data_3V3V
#
_entry.id   3V3V
#
_cell.length_a   172.370
_cell.length_b   172.370
_cell.length_c   86.040
_cell.angle_alpha   90.00
_cell.angle_beta   90.00
_cell.angle_gamma   90.00
#
_symmetry.space_group_name_H-M   'I 4 2 2'
#
loop_
_entity.id
_entity.type
_entity.pdbx_description
1 polymer 'Mitogen-activated protein kinase 8'
2 polymer 'C-Jun-amino-terminal kinase-interacting protein 1'
3 non-polymer 3,5,6,7-TETRAHYDROXY-2-(3,4-DIHYDROXYPHENYL)-4H-CHROMEN-4-ONE
4 non-polymer 'SULFATE ION'
5 non-polymer 'CHLORIDE ION'
6 water water
#
loop_
_entity_poly.entity_id
_entity_poly.type
_entity_poly.pdbx_seq_one_letter_code
_entity_poly.pdbx_strand_id
1 'polypeptide(L)'
;MSRSKRDNNFYSVEIGDSTFTVLKRYQNLKPIGSGAQGIVCAAYDAILERNVAIKKLSRPFQNQTHAKRAYRELVLMKCV
NHKNIIGLLNVFTPQKSLEEFQDVYIVMELMDANLCQVIQMELDHERMSYLLYQMLCGIKHLHSAGIIHRDLKPSNIVVK
SDCTLKILDFGLARTAGTSFMMTPEVVTRYYRAPEVILGMGYKENVDIWSVGCIMGEMIKGGVLFPGTDHIDQWNKVIEQ
LGTPCPEFMKKLQPTVRTYVENRPKYAGYSFEKLFPDVLFPADSEHNALKASQARDLLSKMLVIDASKRISVDEALQHPY
INVWYDPSEAEAPPPKIPDKQLDEREHTIEEWKELIYKEVMDLPKRPTTLNLFHHHHHH
;
A
2 'polypeptide(L)' RPKRPTTLNLF B
#
# COMPACT_ATOMS: atom_id res chain seq x y z
N ASP A 7 -13.63 -24.19 21.23
CA ASP A 7 -13.43 -25.58 21.73
C ASP A 7 -11.95 -25.99 21.86
N ASN A 8 -11.73 -27.30 21.97
CA ASN A 8 -10.40 -27.90 22.09
C ASN A 8 -9.43 -27.64 20.91
N ASN A 9 -9.83 -26.82 19.94
CA ASN A 9 -9.01 -26.54 18.75
C ASN A 9 -8.20 -25.24 18.84
N PHE A 10 -8.58 -24.38 19.77
CA PHE A 10 -7.97 -23.05 19.91
C PHE A 10 -7.28 -22.90 21.26
N TYR A 11 -6.69 -21.72 21.47
CA TYR A 11 -6.24 -21.25 22.78
C TYR A 11 -6.01 -19.76 22.76
N SER A 12 -5.58 -19.21 23.90
CA SER A 12 -5.46 -17.78 24.02
C SER A 12 -4.13 -17.35 24.61
N VAL A 13 -3.55 -16.32 24.02
CA VAL A 13 -2.33 -15.72 24.54
C VAL A 13 -2.50 -14.23 24.70
N GLU A 14 -1.74 -13.72 25.66
CA GLU A 14 -1.85 -12.35 26.10
C GLU A 14 -0.73 -11.53 25.56
N ILE A 15 -0.90 -11.04 24.35
CA ILE A 15 0.10 -10.13 23.81
C ILE A 15 -0.27 -8.68 24.09
N GLY A 16 0.45 -8.07 25.03
CA GLY A 16 0.13 -6.74 25.52
C GLY A 16 -1.25 -6.77 26.14
N ASP A 17 -2.06 -5.76 25.84
CA ASP A 17 -3.46 -5.79 26.24
C ASP A 17 -4.25 -6.76 25.33
N SER A 18 -4.07 -6.63 24.00
CA SER A 18 -4.72 -7.51 23.03
C SER A 18 -4.55 -9.00 23.34
N THR A 19 -5.61 -9.74 23.12
CA THR A 19 -5.58 -11.17 23.35
C THR A 19 -5.71 -11.92 22.04
N PHE A 20 -4.85 -12.92 21.84
CA PHE A 20 -4.92 -13.72 20.63
C PHE A 20 -5.50 -15.09 20.93
N THR A 21 -6.76 -15.27 20.54
CA THR A 21 -7.48 -16.55 20.66
C THR A 21 -7.37 -17.26 19.33
N VAL A 22 -6.45 -18.22 19.26
CA VAL A 22 -6.08 -18.75 17.97
C VAL A 22 -5.94 -20.24 17.98
N LEU A 23 -6.02 -20.81 16.76
CA LEU A 23 -5.81 -22.23 16.44
C LEU A 23 -4.56 -22.74 17.11
N LYS A 24 -4.65 -23.94 17.71
CA LYS A 24 -3.53 -24.54 18.45
C LYS A 24 -2.31 -24.79 17.58
N ARG A 25 -2.56 -24.95 16.27
CA ARG A 25 -1.52 -25.04 15.26
C ARG A 25 -0.47 -23.93 15.39
N TYR A 26 -0.92 -22.75 15.80
CA TYR A 26 -0.10 -21.53 15.79
C TYR A 26 0.44 -21.14 17.16
N GLN A 27 1.77 -21.13 17.29
CA GLN A 27 2.40 -20.77 18.57
C GLN A 27 3.65 -19.92 18.44
N ASN A 28 4.25 -19.69 19.61
CA ASN A 28 5.37 -18.79 19.78
C ASN A 28 5.07 -17.45 19.12
N LEU A 29 3.88 -16.91 19.37
CA LEU A 29 3.48 -15.67 18.73
C LEU A 29 4.23 -14.48 19.30
N LYS A 30 4.50 -13.50 18.45
CA LYS A 30 5.16 -12.28 18.87
C LYS A 30 4.54 -11.11 18.15
N PRO A 31 4.46 -9.95 18.81
CA PRO A 31 3.96 -8.75 18.17
C PRO A 31 4.94 -8.30 17.11
N ILE A 32 4.44 -7.89 15.95
CA ILE A 32 5.27 -7.18 15.01
C ILE A 32 4.74 -5.79 14.67
N GLY A 33 3.49 -5.74 14.20
CA GLY A 33 2.85 -4.47 13.86
C GLY A 33 1.34 -4.43 13.99
N SER A 34 0.70 -3.69 13.08
CA SER A 34 -0.74 -3.37 13.09
C SER A 34 -1.10 -2.55 11.82
N GLY A 35 -0.23 -1.59 11.48
CA GLY A 35 -0.50 -0.56 10.45
C GLY A 35 -1.43 0.48 11.09
N ALA A 36 -2.74 0.26 10.95
CA ALA A 36 -3.81 0.97 11.69
C ALA A 36 -5.17 0.21 11.47
N GLN A 37 -5.13 -0.78 10.55
CA GLN A 37 -6.36 -1.48 10.08
C GLN A 37 -6.64 -2.86 10.73
N GLY A 38 -5.72 -3.30 11.59
CA GLY A 38 -5.83 -4.54 12.38
C GLY A 38 -4.67 -4.59 13.38
N ILE A 39 -4.26 -5.79 13.76
CA ILE A 39 -3.12 -5.98 14.66
C ILE A 39 -2.46 -7.28 14.23
N VAL A 40 -1.14 -7.28 14.18
CA VAL A 40 -0.44 -8.43 13.64
C VAL A 40 0.60 -9.05 14.58
N CYS A 41 0.55 -10.37 14.70
CA CYS A 41 1.62 -11.11 15.34
C CYS A 41 2.27 -12.01 14.33
N ALA A 42 3.58 -12.17 14.48
CA ALA A 42 4.25 -13.22 13.75
C ALA A 42 4.19 -14.41 14.67
N ALA A 43 4.02 -15.60 14.09
CA ALA A 43 3.99 -16.82 14.87
C ALA A 43 4.49 -17.99 14.06
N TYR A 44 4.63 -19.12 14.75
CA TYR A 44 5.10 -20.35 14.17
C TYR A 44 3.94 -21.30 13.94
N ASP A 45 3.69 -21.58 12.66
CA ASP A 45 2.79 -22.64 12.26
C ASP A 45 3.54 -23.93 12.51
N ALA A 46 2.89 -24.86 13.19
CA ALA A 46 3.57 -26.05 13.63
C ALA A 46 3.30 -27.21 12.67
N ILE A 47 2.14 -27.18 12.02
CA ILE A 47 1.83 -28.18 11.00
C ILE A 47 2.87 -28.00 9.91
N LEU A 48 2.90 -26.79 9.36
CA LEU A 48 3.69 -26.46 8.19
C LEU A 48 5.09 -26.10 8.57
N GLU A 49 5.34 -25.99 9.87
CA GLU A 49 6.67 -25.73 10.38
C GLU A 49 7.30 -24.51 9.71
N ARG A 50 6.53 -23.43 9.60
CA ARG A 50 7.08 -22.18 9.05
C ARG A 50 6.49 -20.94 9.66
N ASN A 51 7.16 -19.81 9.44
CA ASN A 51 6.74 -18.56 10.00
C ASN A 51 5.54 -18.10 9.29
N VAL A 52 4.64 -17.45 10.02
CA VAL A 52 3.49 -16.79 9.40
C VAL A 52 3.23 -15.47 10.08
N ALA A 53 2.29 -14.72 9.51
CA ALA A 53 1.75 -13.50 10.11
C ALA A 53 0.24 -13.62 10.31
N ILE A 54 -0.22 -13.36 11.52
CA ILE A 54 -1.66 -13.44 11.85
C ILE A 54 -2.24 -12.06 12.13
N LYS A 55 -3.25 -11.65 11.39
CA LYS A 55 -3.86 -10.37 11.69
C LYS A 55 -5.15 -10.63 12.44
N LYS A 56 -5.34 -9.99 13.59
CA LYS A 56 -6.60 -10.11 14.32
C LYS A 56 -7.47 -8.93 13.96
N LEU A 57 -8.75 -9.22 13.73
CA LEU A 57 -9.77 -8.20 13.48
C LEU A 57 -10.87 -8.21 14.56
N SER A 58 -10.65 -7.45 15.63
CA SER A 58 -11.57 -7.38 16.77
C SER A 58 -12.91 -6.74 16.35
N ARG A 59 -14.02 -7.37 16.77
CA ARG A 59 -15.39 -6.90 16.48
C ARG A 59 -15.50 -6.11 15.17
N PRO A 60 -15.06 -6.69 14.04
CA PRO A 60 -15.02 -5.88 12.82
C PRO A 60 -16.36 -5.25 12.48
N PHE A 61 -17.44 -5.96 12.79
CA PHE A 61 -18.78 -5.45 12.50
C PHE A 61 -19.23 -4.25 13.35
N GLN A 62 -18.58 -4.04 14.51
CA GLN A 62 -18.94 -2.98 15.47
C GLN A 62 -19.32 -1.59 14.86
N ASN A 63 -18.53 -1.11 13.88
CA ASN A 63 -18.76 0.16 13.18
C ASN A 63 -18.94 -0.13 11.71
N GLN A 64 -19.43 0.85 10.97
CA GLN A 64 -19.70 0.63 9.56
C GLN A 64 -18.43 0.73 8.72
N THR A 65 -17.54 1.64 9.11
CA THR A 65 -16.26 1.76 8.42
C THR A 65 -15.37 0.60 8.86
N HIS A 66 -15.38 0.30 10.16
CA HIS A 66 -14.63 -0.85 10.69
C HIS A 66 -14.90 -2.19 10.03
N ALA A 67 -15.97 -2.32 9.28
CA ALA A 67 -16.32 -3.59 8.67
C ALA A 67 -16.10 -3.53 7.17
N LYS A 68 -16.24 -2.32 6.63
CA LYS A 68 -15.92 -2.07 5.25
C LYS A 68 -14.48 -2.51 4.96
N ARG A 69 -13.56 -2.17 5.85
CA ARG A 69 -12.16 -2.54 5.70
C ARG A 69 -11.94 -4.06 5.81
N ALA A 70 -12.60 -4.69 6.77
CA ALA A 70 -12.40 -6.13 7.00
C ALA A 70 -12.84 -6.95 5.78
N TYR A 71 -14.03 -6.63 5.27
CA TYR A 71 -14.51 -7.25 4.05
C TYR A 71 -13.46 -7.06 2.97
N ARG A 72 -13.22 -5.80 2.63
CA ARG A 72 -12.33 -5.47 1.54
C ARG A 72 -11.15 -6.40 1.63
N GLU A 73 -10.51 -6.38 2.79
CA GLU A 73 -9.33 -7.16 3.07
C GLU A 73 -9.66 -8.61 2.76
N LEU A 74 -10.62 -9.16 3.49
CA LEU A 74 -10.95 -10.58 3.39
C LEU A 74 -11.17 -11.02 1.96
N VAL A 75 -11.97 -10.25 1.24
CA VAL A 75 -12.33 -10.64 -0.11
C VAL A 75 -11.13 -10.58 -1.04
N LEU A 76 -10.40 -9.48 -0.95
CA LEU A 76 -9.26 -9.31 -1.78
C LEU A 76 -8.22 -10.38 -1.50
N MET A 77 -8.06 -10.73 -0.24
CA MET A 77 -7.04 -11.67 0.12
C MET A 77 -7.36 -13.04 -0.40
N LYS A 78 -8.63 -13.33 -0.55
CA LYS A 78 -9.05 -14.64 -1.04
C LYS A 78 -8.61 -14.98 -2.48
N CYS A 79 -8.45 -13.97 -3.32
CA CYS A 79 -8.51 -14.22 -4.76
C CYS A 79 -7.46 -13.48 -5.56
N VAL A 80 -6.71 -12.65 -4.83
CA VAL A 80 -5.52 -12.06 -5.36
C VAL A 80 -4.50 -13.19 -5.60
N ASN A 81 -3.74 -13.08 -6.68
CA ASN A 81 -2.77 -14.11 -7.07
C ASN A 81 -1.51 -13.50 -7.73
N HIS A 82 -0.67 -12.82 -6.96
CA HIS A 82 0.56 -12.28 -7.52
C HIS A 82 1.72 -12.53 -6.60
N LYS A 83 2.92 -12.68 -7.15
CA LYS A 83 4.07 -12.93 -6.31
C LYS A 83 4.53 -11.68 -5.52
N ASN A 84 4.13 -10.48 -5.99
CA ASN A 84 4.50 -9.21 -5.37
C ASN A 84 3.37 -8.67 -4.50
N ILE A 85 2.58 -9.59 -3.99
CA ILE A 85 1.49 -9.31 -3.08
C ILE A 85 1.53 -10.41 -2.05
N ILE A 86 1.38 -10.03 -0.79
CA ILE A 86 1.49 -10.97 0.31
C ILE A 86 0.49 -12.09 0.07
N GLY A 87 0.95 -13.32 0.25
CA GLY A 87 0.10 -14.49 0.01
C GLY A 87 -0.71 -14.87 1.24
N LEU A 88 -1.99 -15.15 1.00
CA LEU A 88 -2.87 -15.67 2.04
C LEU A 88 -2.51 -17.11 2.39
N LEU A 89 -2.67 -17.47 3.67
CA LEU A 89 -2.48 -18.84 4.12
C LEU A 89 -3.71 -19.43 4.78
N ASN A 90 -4.52 -18.60 5.41
CA ASN A 90 -5.63 -19.11 6.21
C ASN A 90 -6.49 -17.99 6.76
N VAL A 91 -7.78 -18.27 6.87
CA VAL A 91 -8.65 -17.39 7.61
C VAL A 91 -9.35 -18.28 8.60
N PHE A 92 -9.58 -17.75 9.80
CA PHE A 92 -10.34 -18.50 10.79
C PHE A 92 -11.03 -17.66 11.84
N THR A 93 -11.92 -18.28 12.60
CA THR A 93 -12.60 -17.61 13.71
C THR A 93 -12.70 -18.54 14.90
N PRO A 94 -12.40 -18.05 16.09
CA PRO A 94 -12.38 -18.89 17.29
C PRO A 94 -13.76 -19.26 17.85
N GLN A 95 -14.78 -18.53 17.43
CA GLN A 95 -16.15 -18.71 17.91
C GLN A 95 -16.94 -19.75 17.11
N LYS A 96 -17.80 -20.50 17.80
CA LYS A 96 -18.44 -21.75 17.26
C LYS A 96 -19.56 -21.58 16.23
N SER A 97 -20.41 -20.56 16.40
CA SER A 97 -21.37 -20.22 15.34
C SER A 97 -21.71 -18.74 15.36
N LEU A 98 -22.28 -18.25 14.26
CA LEU A 98 -22.66 -16.85 14.09
C LEU A 98 -23.16 -16.13 15.35
N GLU A 99 -23.94 -16.85 16.16
CA GLU A 99 -24.41 -16.35 17.45
C GLU A 99 -23.35 -15.53 18.21
N GLU A 100 -22.29 -16.22 18.64
CA GLU A 100 -21.24 -15.65 19.51
C GLU A 100 -20.05 -15.06 18.74
N PHE A 101 -20.22 -14.91 17.41
CA PHE A 101 -19.12 -14.53 16.52
C PHE A 101 -18.57 -13.12 16.78
N GLN A 102 -17.24 -13.06 16.95
CA GLN A 102 -16.57 -11.84 17.37
C GLN A 102 -15.45 -11.42 16.41
N ASP A 103 -14.40 -12.23 16.31
CA ASP A 103 -13.21 -11.76 15.60
C ASP A 103 -12.75 -12.71 14.52
N VAL A 104 -11.96 -12.18 13.61
CA VAL A 104 -11.42 -12.95 12.49
C VAL A 104 -9.92 -12.92 12.53
N TYR A 105 -9.29 -14.00 12.14
CA TYR A 105 -7.86 -14.02 12.03
C TYR A 105 -7.46 -14.44 10.65
N ILE A 106 -6.53 -13.69 10.08
CA ILE A 106 -6.01 -13.99 8.78
C ILE A 106 -4.56 -14.32 8.97
N VAL A 107 -4.18 -15.42 8.35
CA VAL A 107 -2.81 -15.88 8.32
C VAL A 107 -2.27 -15.71 6.90
N MET A 108 -1.04 -15.19 6.82
CA MET A 108 -0.39 -14.91 5.56
C MET A 108 1.12 -14.97 5.77
N GLU A 109 1.87 -14.94 4.67
CA GLU A 109 3.31 -15.18 4.67
C GLU A 109 4.00 -14.24 5.61
N LEU A 110 5.11 -14.69 6.19
CA LEU A 110 5.94 -13.75 6.93
C LEU A 110 7.14 -13.23 6.11
N MET A 111 7.17 -11.92 5.86
CA MET A 111 8.35 -11.33 5.21
C MET A 111 9.40 -10.91 6.22
N ASP A 112 10.52 -10.37 5.75
CA ASP A 112 11.63 -10.17 6.64
C ASP A 112 11.57 -8.85 7.37
N ALA A 113 11.07 -7.81 6.69
CA ALA A 113 10.91 -6.47 7.25
C ALA A 113 10.15 -5.59 6.26
N ASN A 114 9.75 -4.40 6.69
CA ASN A 114 9.12 -3.44 5.79
C ASN A 114 10.09 -2.35 5.38
N LEU A 115 9.75 -1.62 4.33
CA LEU A 115 10.66 -0.66 3.75
C LEU A 115 11.32 0.33 4.69
N CYS A 116 10.65 0.67 5.79
CA CYS A 116 11.18 1.67 6.72
C CYS A 116 12.69 1.57 6.92
N GLN A 117 13.19 0.35 7.09
CA GLN A 117 14.61 0.19 7.30
C GLN A 117 15.40 0.02 6.00
N VAL A 118 14.73 0.20 4.87
CA VAL A 118 15.43 0.23 3.58
C VAL A 118 15.81 1.67 3.22
N ILE A 119 14.96 2.60 3.62
CA ILE A 119 15.14 4.01 3.32
C ILE A 119 16.41 4.51 3.97
N GLN A 120 16.59 4.12 5.22
CA GLN A 120 17.80 4.42 5.95
C GLN A 120 19.03 3.69 5.36
N MET A 121 18.85 2.93 4.29
CA MET A 121 19.98 2.28 3.65
C MET A 121 20.39 3.07 2.45
N GLU A 122 21.59 2.81 1.96
CA GLU A 122 21.95 3.26 0.62
C GLU A 122 21.87 2.08 -0.31
N LEU A 123 21.16 2.23 -1.42
CA LEU A 123 20.96 1.10 -2.34
C LEU A 123 21.54 1.41 -3.67
N ASP A 124 21.96 0.38 -4.41
CA ASP A 124 22.38 0.59 -5.79
C ASP A 124 21.16 0.67 -6.69
N HIS A 125 21.35 1.20 -7.89
CA HIS A 125 20.25 1.32 -8.85
C HIS A 125 19.64 -0.04 -9.17
N GLU A 126 20.52 -1.03 -9.35
CA GLU A 126 20.07 -2.39 -9.65
C GLU A 126 18.94 -2.74 -8.68
N ARG A 127 19.27 -2.62 -7.39
CA ARG A 127 18.40 -2.99 -6.26
C ARG A 127 17.14 -2.16 -6.17
N MET A 128 17.33 -0.88 -5.90
CA MET A 128 16.23 0.03 -5.79
C MET A 128 15.27 -0.06 -6.97
N SER A 129 15.77 0.12 -8.19
CA SER A 129 14.88 0.13 -9.35
C SER A 129 14.10 -1.16 -9.48
N TYR A 130 14.72 -2.27 -9.12
CA TYR A 130 14.09 -3.57 -9.19
C TYR A 130 12.99 -3.75 -8.15
N LEU A 131 13.25 -3.31 -6.90
CA LEU A 131 12.23 -3.23 -5.83
C LEU A 131 11.03 -2.40 -6.28
N LEU A 132 11.32 -1.26 -6.89
CA LEU A 132 10.26 -0.45 -7.47
C LEU A 132 9.54 -1.18 -8.62
N TYR A 133 10.28 -1.89 -9.47
CA TYR A 133 9.68 -2.65 -10.54
C TYR A 133 8.70 -3.66 -9.97
N GLN A 134 9.11 -4.36 -8.92
CA GLN A 134 8.22 -5.28 -8.24
C GLN A 134 6.95 -4.57 -7.76
N MET A 135 7.16 -3.61 -6.87
CA MET A 135 6.10 -2.76 -6.34
C MET A 135 5.04 -2.43 -7.39
N LEU A 136 5.52 -2.04 -8.57
CA LEU A 136 4.67 -1.72 -9.72
C LEU A 136 3.84 -2.91 -10.20
N CYS A 137 4.49 -4.04 -10.49
CA CYS A 137 3.77 -5.24 -10.88
C CYS A 137 2.68 -5.51 -9.86
N GLY A 138 3.12 -5.69 -8.61
CA GLY A 138 2.22 -5.90 -7.48
C GLY A 138 1.01 -4.99 -7.54
N ILE A 139 1.24 -3.68 -7.62
CA ILE A 139 0.16 -2.72 -7.82
C ILE A 139 -0.61 -2.98 -9.11
N LYS A 140 0.12 -3.13 -10.23
CA LYS A 140 -0.55 -3.35 -11.50
C LYS A 140 -1.60 -4.45 -11.38
N HIS A 141 -1.26 -5.52 -10.69
CA HIS A 141 -2.23 -6.58 -10.42
C HIS A 141 -3.55 -6.09 -9.82
N LEU A 142 -3.47 -5.24 -8.82
CA LEU A 142 -4.67 -4.64 -8.27
C LEU A 142 -5.41 -3.78 -9.29
N HIS A 143 -4.65 -3.01 -10.06
CA HIS A 143 -5.23 -2.11 -11.08
C HIS A 143 -5.95 -2.89 -12.18
N SER A 144 -5.36 -3.99 -12.62
CA SER A 144 -5.91 -4.82 -13.70
C SER A 144 -7.30 -5.39 -13.35
N ALA A 145 -7.71 -5.27 -12.10
CA ALA A 145 -9.08 -5.55 -11.66
C ALA A 145 -9.84 -4.28 -11.37
N GLY A 146 -9.25 -3.14 -11.72
CA GLY A 146 -9.87 -1.84 -11.45
C GLY A 146 -9.78 -1.44 -9.99
N ILE A 147 -9.14 -2.28 -9.19
CA ILE A 147 -8.92 -1.99 -7.78
C ILE A 147 -7.80 -0.99 -7.61
N ILE A 148 -7.97 -0.07 -6.66
CA ILE A 148 -6.94 0.89 -6.33
C ILE A 148 -6.52 0.70 -4.89
N HIS A 149 -5.21 0.63 -4.62
CA HIS A 149 -4.71 0.37 -3.28
C HIS A 149 -4.99 1.53 -2.33
N ARG A 150 -4.84 2.74 -2.86
CA ARG A 150 -5.28 3.95 -2.18
C ARG A 150 -4.39 4.40 -1.02
N ASP A 151 -3.65 3.46 -0.42
CA ASP A 151 -2.85 3.78 0.74
C ASP A 151 -1.54 2.99 0.76
N LEU A 152 -0.77 3.10 -0.31
CA LEU A 152 0.56 2.52 -0.36
C LEU A 152 1.44 3.38 0.52
N LYS A 153 2.27 2.76 1.33
CA LYS A 153 3.27 3.49 2.13
C LYS A 153 4.39 2.56 2.60
N PRO A 154 5.53 3.15 3.01
CA PRO A 154 6.59 2.33 3.52
C PRO A 154 6.06 1.17 4.34
N SER A 155 5.23 1.48 5.33
CA SER A 155 4.90 0.48 6.33
C SER A 155 3.84 -0.49 5.86
N ASN A 156 3.33 -0.29 4.64
CA ASN A 156 2.48 -1.28 3.96
C ASN A 156 3.22 -2.08 2.90
N ILE A 157 4.53 -1.88 2.79
CA ILE A 157 5.35 -2.65 1.89
C ILE A 157 6.41 -3.46 2.63
N VAL A 158 6.49 -4.75 2.28
CA VAL A 158 7.37 -5.68 2.95
C VAL A 158 8.35 -6.33 1.99
N VAL A 159 9.49 -6.74 2.53
CA VAL A 159 10.53 -7.33 1.72
C VAL A 159 11.25 -8.48 2.41
N LYS A 160 11.96 -9.27 1.61
CA LYS A 160 12.70 -10.44 2.10
C LYS A 160 14.18 -10.31 1.65
N SER A 161 15.05 -11.15 2.19
CA SER A 161 16.48 -11.00 1.99
C SER A 161 17.02 -11.43 0.62
N ASP A 162 16.15 -12.06 -0.16
CA ASP A 162 16.45 -12.43 -1.53
C ASP A 162 16.06 -11.25 -2.38
N CYS A 163 15.76 -10.15 -1.70
CA CYS A 163 15.47 -8.89 -2.35
C CYS A 163 14.08 -8.87 -3.02
N THR A 164 13.18 -9.71 -2.55
CA THR A 164 11.82 -9.74 -3.09
C THR A 164 10.87 -8.79 -2.34
N LEU A 165 9.83 -8.34 -3.03
CA LEU A 165 8.92 -7.36 -2.46
C LEU A 165 7.46 -7.74 -2.63
N LYS A 166 6.63 -7.32 -1.69
CA LYS A 166 5.20 -7.61 -1.74
C LYS A 166 4.40 -6.44 -1.19
N ILE A 167 3.18 -6.28 -1.68
CA ILE A 167 2.32 -5.22 -1.20
C ILE A 167 1.27 -5.86 -0.31
N LEU A 168 0.84 -5.15 0.74
CA LEU A 168 -0.22 -5.65 1.62
C LEU A 168 -1.21 -4.61 2.18
N ASP A 169 -2.07 -5.07 3.10
CA ASP A 169 -3.17 -4.30 3.70
C ASP A 169 -4.09 -3.67 2.67
N PHE A 170 -5.13 -4.39 2.28
CA PHE A 170 -6.08 -3.88 1.31
C PHE A 170 -7.35 -3.33 1.93
N GLY A 171 -7.35 -3.22 3.26
CA GLY A 171 -8.44 -2.60 4.01
C GLY A 171 -9.06 -1.36 3.38
N LEU A 172 -8.26 -0.59 2.63
CA LEU A 172 -8.77 0.65 2.07
C LEU A 172 -9.03 0.55 0.61
N ALA A 173 -8.67 -0.59 0.03
CA ALA A 173 -8.77 -0.82 -1.41
C ALA A 173 -10.19 -0.66 -1.97
N ARG A 174 -10.30 -0.08 -3.16
CA ARG A 174 -11.59 0.30 -3.71
C ARG A 174 -11.43 0.49 -5.20
N THR A 175 -12.54 0.54 -5.93
CA THR A 175 -12.50 0.99 -7.31
C THR A 175 -12.47 2.52 -7.23
N ALA A 176 -12.41 3.20 -8.37
CA ALA A 176 -12.41 4.67 -8.43
C ALA A 176 -13.47 5.33 -7.52
N GLY A 177 -13.19 6.55 -7.06
CA GLY A 177 -14.11 7.29 -6.18
C GLY A 177 -14.34 8.75 -6.57
N THR A 178 -15.32 9.39 -5.93
CA THR A 178 -15.65 10.80 -6.21
C THR A 178 -15.94 11.66 -4.96
N SER A 179 -15.72 12.97 -5.11
CA SER A 179 -15.80 14.02 -4.05
C SER A 179 -15.10 13.74 -2.67
N PRO A 184 -13.18 13.83 4.97
CA PRO A 184 -13.22 12.59 5.77
C PRO A 184 -11.90 11.81 5.68
N GLU A 185 -10.79 12.55 5.51
CA GLU A 185 -9.47 12.00 5.08
C GLU A 185 -8.96 10.81 5.86
N VAL A 186 -8.91 9.67 5.18
CA VAL A 186 -8.55 8.43 5.80
C VAL A 186 -7.19 7.88 5.31
N VAL A 187 -6.68 8.41 4.20
CA VAL A 187 -5.36 8.06 3.66
C VAL A 187 -4.24 8.85 4.38
N THR A 188 -3.11 8.21 4.63
CA THR A 188 -2.05 8.80 5.48
C THR A 188 -1.40 10.08 5.01
N ARG A 189 -1.42 11.06 5.90
CA ARG A 189 -1.04 12.42 5.60
C ARG A 189 0.01 12.57 4.49
N TYR A 190 1.21 12.02 4.72
CA TYR A 190 2.38 12.32 3.87
C TYR A 190 2.27 11.82 2.44
N TYR A 191 1.43 10.83 2.27
CA TYR A 191 1.37 10.10 1.04
C TYR A 191 0.14 10.46 0.25
N ARG A 192 -0.59 11.42 0.78
CA ARG A 192 -1.85 11.84 0.20
C ARG A 192 -1.54 12.46 -1.14
N ALA A 193 -2.26 12.03 -2.17
CA ALA A 193 -2.14 12.62 -3.47
C ALA A 193 -2.75 14.03 -3.44
N PRO A 194 -2.39 14.90 -4.41
CA PRO A 194 -3.09 16.17 -4.41
C PRO A 194 -4.57 15.92 -4.54
N GLU A 195 -4.95 15.02 -5.44
CA GLU A 195 -6.37 14.66 -5.63
C GLU A 195 -6.97 14.38 -4.30
N VAL A 196 -6.24 13.66 -3.48
CA VAL A 196 -6.76 13.30 -2.19
C VAL A 196 -6.75 14.47 -1.22
N ILE A 197 -5.72 15.28 -1.25
CA ILE A 197 -5.61 16.37 -0.29
C ILE A 197 -6.80 17.27 -0.48
N LEU A 198 -7.00 17.68 -1.72
CA LEU A 198 -8.08 18.57 -2.10
C LEU A 198 -9.38 17.78 -2.19
N GLY A 199 -10.43 18.36 -2.77
CA GLY A 199 -11.73 17.69 -2.73
C GLY A 199 -11.96 16.65 -3.81
N MET A 200 -10.95 16.42 -4.63
CA MET A 200 -11.16 15.79 -5.92
C MET A 200 -11.36 14.28 -5.87
N GLY A 201 -11.93 13.76 -6.94
CA GLY A 201 -12.01 12.32 -7.15
C GLY A 201 -10.71 11.74 -7.69
N TYR A 202 -10.53 10.43 -7.51
CA TYR A 202 -9.28 9.76 -7.89
C TYR A 202 -9.44 8.64 -8.91
N LYS A 203 -8.53 8.62 -9.88
CA LYS A 203 -8.40 7.46 -10.73
C LYS A 203 -7.34 6.62 -10.08
N GLU A 204 -6.75 5.71 -10.83
CA GLU A 204 -5.77 4.81 -10.22
C GLU A 204 -4.39 5.45 -10.00
N ASN A 205 -3.97 6.33 -10.89
CA ASN A 205 -2.65 6.94 -10.74
C ASN A 205 -2.49 7.65 -9.40
N VAL A 206 -3.55 7.69 -8.60
CA VAL A 206 -3.41 8.10 -7.20
C VAL A 206 -2.36 7.24 -6.51
N ASP A 207 -2.21 5.99 -6.95
CA ASP A 207 -1.21 5.09 -6.38
C ASP A 207 0.20 5.43 -6.88
N ILE A 208 0.26 6.00 -8.07
CA ILE A 208 1.52 6.40 -8.63
C ILE A 208 2.09 7.56 -7.81
N TRP A 209 1.22 8.47 -7.39
CA TRP A 209 1.63 9.49 -6.41
C TRP A 209 2.26 8.86 -5.15
N SER A 210 1.62 7.84 -4.59
CA SER A 210 2.19 7.17 -3.44
C SER A 210 3.57 6.62 -3.81
N VAL A 211 3.64 5.90 -4.93
CA VAL A 211 4.88 5.34 -5.44
C VAL A 211 5.98 6.41 -5.57
N GLY A 212 5.68 7.52 -6.23
CA GLY A 212 6.55 8.67 -6.23
C GLY A 212 7.02 9.05 -4.83
N CYS A 213 6.07 9.26 -3.92
CA CYS A 213 6.38 9.54 -2.49
C CYS A 213 7.36 8.55 -1.85
N ILE A 214 7.11 7.27 -2.08
CA ILE A 214 7.97 6.22 -1.56
C ILE A 214 9.37 6.22 -2.16
N MET A 215 9.45 6.29 -3.49
CA MET A 215 10.76 6.23 -4.14
C MET A 215 11.55 7.43 -3.65
N GLY A 216 10.96 8.59 -3.82
CA GLY A 216 11.55 9.83 -3.34
C GLY A 216 12.06 9.72 -1.93
N GLU A 217 11.33 8.98 -1.08
CA GLU A 217 11.70 8.80 0.32
C GLU A 217 12.96 7.97 0.47
N MET A 218 12.97 6.80 -0.19
CA MET A 218 14.14 5.93 -0.23
C MET A 218 15.36 6.76 -0.55
N ILE A 219 15.21 7.60 -1.56
CA ILE A 219 16.31 8.40 -2.04
C ILE A 219 16.61 9.48 -1.02
N LYS A 220 15.58 10.10 -0.46
CA LYS A 220 15.79 11.20 0.49
C LYS A 220 16.32 10.73 1.81
N GLY A 221 16.04 9.47 2.13
CA GLY A 221 16.35 8.94 3.43
C GLY A 221 15.43 9.55 4.47
N GLY A 222 14.25 10.00 4.02
CA GLY A 222 13.29 10.73 4.84
C GLY A 222 12.01 11.00 4.06
N VAL A 223 10.94 11.32 4.81
CA VAL A 223 9.61 11.61 4.23
C VAL A 223 9.64 12.83 3.32
N LEU A 224 9.06 12.69 2.13
CA LEU A 224 9.17 13.70 1.08
C LEU A 224 8.36 14.94 1.40
N PHE A 225 7.05 14.77 1.53
CA PHE A 225 6.20 15.89 1.92
C PHE A 225 5.76 15.69 3.36
N PRO A 226 6.54 16.21 4.32
CA PRO A 226 6.29 16.01 5.75
C PRO A 226 5.45 17.13 6.43
N GLY A 227 4.16 17.19 6.12
CA GLY A 227 3.29 18.25 6.64
C GLY A 227 2.91 18.09 8.09
N THR A 228 2.89 19.19 8.84
CA THR A 228 2.56 19.13 10.26
C THR A 228 1.07 18.81 10.49
N ASP A 229 0.21 19.28 9.58
CA ASP A 229 -1.23 19.05 9.64
C ASP A 229 -1.77 18.89 8.23
N HIS A 230 -3.03 18.45 8.13
CA HIS A 230 -3.65 17.99 6.88
C HIS A 230 -3.76 19.06 5.80
N ILE A 231 -3.44 20.29 6.22
CA ILE A 231 -3.42 21.47 5.37
C ILE A 231 -1.97 21.81 4.98
N ASP A 232 -1.09 21.90 5.97
CA ASP A 232 0.34 22.14 5.75
C ASP A 232 0.89 21.20 4.66
N GLN A 233 0.23 20.05 4.51
CA GLN A 233 0.69 19.00 3.64
C GLN A 233 0.59 19.44 2.20
N TRP A 234 -0.36 20.31 1.93
CA TRP A 234 -0.46 20.88 0.62
C TRP A 234 0.72 21.83 0.43
N ASN A 235 1.00 22.64 1.44
CA ASN A 235 2.10 23.60 1.36
C ASN A 235 3.33 22.81 1.00
N LYS A 236 3.49 21.67 1.65
CA LYS A 236 4.69 20.88 1.51
C LYS A 236 4.88 20.50 0.07
N VAL A 237 3.80 20.13 -0.60
CA VAL A 237 3.84 19.79 -2.01
C VAL A 237 4.20 20.98 -2.87
N ILE A 238 3.48 22.09 -2.69
CA ILE A 238 3.64 23.25 -3.57
C ILE A 238 4.97 23.98 -3.42
N GLU A 239 5.46 24.07 -2.18
CA GLU A 239 6.81 24.57 -1.91
C GLU A 239 7.87 23.83 -2.75
N GLN A 240 7.56 22.57 -3.04
CA GLN A 240 8.48 21.63 -3.62
C GLN A 240 8.41 21.66 -5.12
N LEU A 241 7.23 21.39 -5.65
CA LEU A 241 7.08 21.13 -7.09
C LEU A 241 6.46 22.30 -7.84
N GLY A 242 6.20 23.40 -7.10
CA GLY A 242 5.62 24.60 -7.68
C GLY A 242 4.13 24.67 -7.51
N THR A 243 3.55 25.76 -7.99
CA THR A 243 2.13 26.01 -7.79
C THR A 243 1.35 25.60 -9.04
N PRO A 244 0.19 24.95 -8.86
CA PRO A 244 -0.53 24.34 -9.99
C PRO A 244 -0.90 25.35 -11.07
N CYS A 245 -0.83 24.91 -12.32
CA CYS A 245 -1.26 25.77 -13.41
C CYS A 245 -2.79 25.92 -13.42
N PRO A 246 -3.29 27.08 -13.87
CA PRO A 246 -4.70 27.47 -13.82
C PRO A 246 -5.71 26.43 -14.28
N GLU A 247 -5.34 25.58 -15.24
CA GLU A 247 -6.24 24.52 -15.70
C GLU A 247 -6.50 23.47 -14.61
N PHE A 248 -5.47 23.20 -13.81
CA PHE A 248 -5.64 22.33 -12.69
C PHE A 248 -6.49 23.04 -11.65
N MET A 249 -6.20 24.34 -11.46
CA MET A 249 -6.90 25.17 -10.49
C MET A 249 -8.40 25.19 -10.77
N LYS A 250 -8.76 25.20 -12.06
CA LYS A 250 -10.15 25.20 -12.48
C LYS A 250 -10.91 23.95 -12.01
N LYS A 251 -10.23 22.81 -12.04
CA LYS A 251 -10.87 21.52 -11.72
C LYS A 251 -11.32 21.42 -10.25
N LEU A 252 -11.10 22.46 -9.47
CA LEU A 252 -11.35 22.42 -8.04
C LEU A 252 -12.76 22.86 -7.59
N GLN A 253 -13.24 22.30 -6.48
CA GLN A 253 -14.44 22.81 -5.81
C GLN A 253 -14.35 24.28 -5.38
N PRO A 254 -15.47 25.02 -5.54
CA PRO A 254 -15.36 26.48 -5.65
C PRO A 254 -14.76 27.15 -4.42
N THR A 255 -15.03 26.53 -3.27
CA THR A 255 -14.73 27.10 -1.97
C THR A 255 -13.26 26.87 -1.64
N VAL A 256 -12.76 25.69 -2.00
CA VAL A 256 -11.36 25.35 -1.74
C VAL A 256 -10.51 25.79 -2.93
N ARG A 257 -11.16 25.95 -4.07
CA ARG A 257 -10.57 26.61 -5.23
C ARG A 257 -9.99 27.97 -4.82
N THR A 258 -10.57 28.56 -3.78
CA THR A 258 -10.25 29.93 -3.39
C THR A 258 -9.00 29.97 -2.55
N TYR A 259 -8.86 29.02 -1.65
CA TYR A 259 -7.66 28.92 -0.83
C TYR A 259 -6.39 28.63 -1.67
N VAL A 260 -6.51 27.68 -2.60
CA VAL A 260 -5.39 27.21 -3.44
C VAL A 260 -4.83 28.32 -4.32
N GLU A 261 -5.74 29.14 -4.82
CA GLU A 261 -5.41 30.33 -5.58
C GLU A 261 -4.71 31.33 -4.69
N ASN A 262 -5.14 31.40 -3.43
CA ASN A 262 -4.61 32.34 -2.44
C ASN A 262 -3.26 31.93 -1.87
N ARG A 263 -2.91 30.66 -2.00
CA ARG A 263 -1.60 30.21 -1.56
C ARG A 263 -0.51 30.85 -2.41
N PRO A 264 0.61 31.21 -1.76
CA PRO A 264 1.79 31.83 -2.38
C PRO A 264 2.18 31.09 -3.63
N LYS A 265 2.70 31.81 -4.62
CA LYS A 265 2.92 31.21 -5.94
C LYS A 265 4.34 30.70 -6.13
N TYR A 266 4.71 29.71 -5.31
CA TYR A 266 6.02 29.10 -5.29
C TYR A 266 6.57 28.73 -6.67
N ALA A 267 7.86 28.95 -6.82
CA ALA A 267 8.58 28.50 -8.00
C ALA A 267 8.67 26.98 -7.92
N GLY A 268 9.06 26.48 -6.75
CA GLY A 268 9.26 25.05 -6.51
C GLY A 268 10.48 24.50 -7.25
N TYR A 269 11.33 23.79 -6.54
CA TYR A 269 12.62 23.36 -7.10
C TYR A 269 12.56 22.32 -8.20
N SER A 270 13.50 22.44 -9.14
CA SER A 270 13.81 21.43 -10.16
C SER A 270 14.26 20.11 -9.55
N PHE A 271 13.92 19.00 -10.19
CA PHE A 271 14.24 17.69 -9.65
C PHE A 271 15.69 17.45 -9.31
N GLU A 272 16.56 18.29 -9.86
CA GLU A 272 17.98 18.11 -9.73
C GLU A 272 18.40 18.74 -8.44
N LYS A 273 17.61 19.69 -7.95
CA LYS A 273 17.86 20.29 -6.63
C LYS A 273 17.05 19.54 -5.57
N LEU A 274 15.89 19.03 -5.98
CA LEU A 274 15.07 18.22 -5.11
C LEU A 274 15.84 16.98 -4.74
N PHE A 275 16.53 16.44 -5.74
CA PHE A 275 17.30 15.20 -5.64
C PHE A 275 18.72 15.32 -6.18
N PRO A 276 19.59 16.02 -5.44
CA PRO A 276 20.96 16.15 -5.91
C PRO A 276 21.68 14.80 -5.98
N ASP A 277 22.84 14.79 -6.65
CA ASP A 277 23.62 13.56 -6.90
C ASP A 277 24.27 13.00 -5.66
N VAL A 278 24.59 13.89 -4.72
CA VAL A 278 25.12 13.50 -3.42
C VAL A 278 24.22 12.42 -2.80
N LEU A 279 22.96 12.35 -3.27
CA LEU A 279 21.98 11.39 -2.74
C LEU A 279 21.95 10.03 -3.44
N PHE A 280 22.52 9.96 -4.63
CA PHE A 280 22.49 8.75 -5.43
C PHE A 280 23.81 7.98 -5.28
N PRO A 281 23.87 6.74 -5.79
CA PRO A 281 25.13 6.02 -5.73
C PRO A 281 26.08 6.34 -6.87
N ALA A 282 25.97 5.62 -7.97
CA ALA A 282 26.82 5.86 -9.13
C ALA A 282 26.26 5.11 -10.33
N ASP A 283 26.35 5.76 -11.48
CA ASP A 283 25.62 5.34 -12.67
C ASP A 283 26.33 4.23 -13.44
N SER A 284 25.96 3.00 -13.10
CA SER A 284 26.40 1.80 -13.81
C SER A 284 25.91 1.76 -15.27
N GLU A 285 25.89 0.56 -15.87
CA GLU A 285 25.32 0.34 -17.20
C GLU A 285 23.81 0.70 -17.26
N HIS A 286 23.50 1.74 -18.02
CA HIS A 286 22.14 2.30 -18.12
C HIS A 286 21.16 1.35 -18.82
N LEU A 289 19.53 3.28 -16.24
CA LEU A 289 19.84 3.02 -14.84
C LEU A 289 20.82 4.01 -14.22
N LYS A 290 20.39 5.27 -14.19
CA LYS A 290 21.23 6.44 -13.95
C LYS A 290 20.54 7.37 -12.93
N ALA A 291 21.26 8.37 -12.43
CA ALA A 291 20.62 9.39 -11.59
C ALA A 291 19.49 10.03 -12.38
N SER A 292 19.84 10.65 -13.51
CA SER A 292 18.85 11.28 -14.39
C SER A 292 17.65 10.38 -14.72
N GLN A 293 17.96 9.16 -15.11
CA GLN A 293 16.97 8.23 -15.61
C GLN A 293 15.88 7.99 -14.59
N ALA A 294 16.27 7.98 -13.31
CA ALA A 294 15.34 7.88 -12.17
C ALA A 294 14.62 9.20 -11.96
N ARG A 295 15.41 10.23 -11.64
CA ARG A 295 14.94 11.60 -11.58
C ARG A 295 13.84 11.86 -12.61
N ASP A 296 14.05 11.44 -13.86
CA ASP A 296 13.03 11.58 -14.90
C ASP A 296 11.75 10.83 -14.53
N LEU A 297 11.88 9.62 -14.01
CA LEU A 297 10.73 8.85 -13.60
C LEU A 297 9.96 9.53 -12.43
N LEU A 298 10.70 9.96 -11.40
CA LEU A 298 10.17 10.85 -10.40
C LEU A 298 9.44 12.02 -11.04
N SER A 299 10.14 12.70 -11.95
CA SER A 299 9.61 13.89 -12.60
C SER A 299 8.33 13.58 -13.38
N LYS A 300 8.08 12.29 -13.62
CA LYS A 300 6.84 11.91 -14.34
C LYS A 300 5.77 11.30 -13.44
N MET A 301 6.14 10.93 -12.21
CA MET A 301 5.18 10.42 -11.23
C MET A 301 4.60 11.52 -10.34
N LEU A 302 5.45 12.19 -9.58
CA LEU A 302 5.06 13.30 -8.71
C LEU A 302 4.57 14.53 -9.49
N VAL A 303 3.42 14.39 -10.15
CA VAL A 303 2.82 15.44 -10.93
C VAL A 303 1.53 15.80 -10.21
N ILE A 304 1.36 17.08 -9.87
CA ILE A 304 0.22 17.54 -9.06
C ILE A 304 -1.10 17.16 -9.72
N ASP A 305 -1.17 17.48 -11.01
CA ASP A 305 -2.31 17.14 -11.84
C ASP A 305 -2.37 15.66 -12.16
N ALA A 306 -3.47 15.01 -11.78
CA ALA A 306 -3.61 13.57 -11.99
C ALA A 306 -3.67 13.18 -13.48
N SER A 307 -4.50 13.88 -14.24
CA SER A 307 -4.59 13.65 -15.68
C SER A 307 -3.24 13.79 -16.44
N LYS A 308 -2.38 14.72 -16.01
CA LYS A 308 -1.02 14.89 -16.60
C LYS A 308 0.00 13.85 -16.09
N ARG A 309 -0.44 12.94 -15.23
CA ARG A 309 0.50 12.02 -14.57
C ARG A 309 0.57 10.63 -15.20
N ILE A 310 1.79 10.13 -15.31
CA ILE A 310 2.13 8.76 -15.75
C ILE A 310 1.27 7.66 -15.07
N SER A 311 0.97 6.58 -15.79
CA SER A 311 0.26 5.47 -15.16
C SER A 311 1.23 4.38 -14.86
N VAL A 312 0.74 3.29 -14.29
CA VAL A 312 1.55 2.12 -14.01
C VAL A 312 2.16 1.58 -15.28
N ASP A 313 1.30 1.16 -16.20
CA ASP A 313 1.72 0.65 -17.51
C ASP A 313 2.90 1.43 -18.03
N GLU A 314 2.75 2.75 -18.01
CA GLU A 314 3.80 3.63 -18.50
C GLU A 314 5.05 3.60 -17.62
N ALA A 315 4.83 3.63 -16.30
CA ALA A 315 5.89 3.51 -15.31
C ALA A 315 6.67 2.23 -15.55
N LEU A 316 5.95 1.17 -15.94
CA LEU A 316 6.62 -0.07 -16.29
C LEU A 316 7.49 -0.03 -17.56
N GLN A 317 7.15 0.79 -18.55
CA GLN A 317 8.00 0.94 -19.75
C GLN A 317 9.14 1.89 -19.53
N HIS A 318 8.96 2.80 -18.57
CA HIS A 318 9.97 3.82 -18.34
C HIS A 318 11.33 3.20 -18.01
N PRO A 319 12.29 3.38 -18.93
CA PRO A 319 13.63 2.80 -18.99
C PRO A 319 14.20 2.30 -17.65
N TYR A 320 14.20 3.16 -16.63
CA TYR A 320 14.76 2.86 -15.31
C TYR A 320 14.08 1.69 -14.60
N ILE A 321 12.82 1.43 -14.95
CA ILE A 321 12.07 0.29 -14.42
C ILE A 321 12.10 -0.87 -15.41
N ASN A 322 12.01 -0.50 -16.70
CA ASN A 322 11.88 -1.42 -17.81
C ASN A 322 12.91 -2.55 -17.97
N VAL A 323 14.08 -2.38 -17.37
CA VAL A 323 15.11 -3.41 -17.48
C VAL A 323 14.87 -4.68 -16.67
N TRP A 324 13.75 -4.78 -15.97
CA TRP A 324 13.35 -6.02 -15.28
C TRP A 324 12.04 -6.58 -15.85
N TYR A 325 11.52 -5.94 -16.88
CA TYR A 325 10.23 -6.27 -17.47
C TYR A 325 10.03 -7.76 -17.80
N ASP A 326 9.03 -8.35 -17.19
CA ASP A 326 8.72 -9.76 -17.44
C ASP A 326 7.20 -9.93 -17.61
N PRO A 327 6.74 -10.22 -18.82
CA PRO A 327 5.32 -10.09 -19.05
C PRO A 327 4.55 -11.15 -18.32
N SER A 328 5.22 -12.23 -17.94
CA SER A 328 4.54 -13.24 -17.16
C SER A 328 4.27 -12.71 -15.76
N GLU A 329 5.02 -11.67 -15.40
CA GLU A 329 4.95 -11.04 -14.09
C GLU A 329 4.18 -9.72 -14.21
N ALA A 330 4.24 -9.13 -15.42
CA ALA A 330 3.60 -7.87 -15.74
C ALA A 330 2.17 -8.02 -16.23
N GLU A 331 1.95 -8.86 -17.25
CA GLU A 331 0.61 -9.04 -17.81
C GLU A 331 -0.06 -10.32 -17.33
N ALA A 332 0.10 -10.61 -16.05
CA ALA A 332 -0.55 -11.76 -15.43
C ALA A 332 -2.07 -11.63 -15.49
N PRO A 333 -2.77 -12.75 -15.68
CA PRO A 333 -4.22 -12.76 -15.51
C PRO A 333 -4.62 -12.00 -14.23
N PRO A 334 -5.60 -11.09 -14.34
CA PRO A 334 -6.01 -10.29 -13.18
C PRO A 334 -6.77 -11.14 -12.20
N PRO A 335 -6.82 -10.73 -10.93
CA PRO A 335 -7.50 -11.57 -9.96
C PRO A 335 -8.97 -11.60 -10.30
N LYS A 336 -9.64 -12.70 -9.95
CA LYS A 336 -11.08 -12.81 -10.14
C LYS A 336 -11.84 -12.37 -8.87
N ILE A 337 -12.54 -11.23 -8.96
CA ILE A 337 -13.38 -10.75 -7.86
C ILE A 337 -14.75 -11.42 -7.97
N PRO A 338 -15.15 -12.20 -6.95
CA PRO A 338 -16.49 -12.80 -7.03
C PRO A 338 -17.53 -11.73 -7.35
N ASP A 339 -18.37 -12.04 -8.35
CA ASP A 339 -19.18 -11.04 -9.05
C ASP A 339 -19.93 -10.03 -8.20
N LYS A 340 -19.78 -8.76 -8.59
CA LYS A 340 -20.36 -7.59 -7.90
C LYS A 340 -20.36 -7.68 -6.36
N GLN A 341 -19.19 -7.98 -5.79
CA GLN A 341 -19.03 -7.97 -4.34
C GLN A 341 -18.46 -6.65 -3.89
N LEU A 342 -17.65 -6.02 -4.76
CA LEU A 342 -17.13 -4.68 -4.49
C LEU A 342 -18.28 -3.69 -4.26
N ASP A 343 -19.15 -3.51 -5.25
CA ASP A 343 -20.28 -2.54 -5.20
C ASP A 343 -20.63 -2.10 -3.77
N GLU A 344 -19.96 -1.05 -3.31
CA GLU A 344 -20.12 -0.52 -1.96
C GLU A 344 -21.57 -0.12 -1.75
N ARG A 345 -22.32 -0.99 -1.08
CA ARG A 345 -23.78 -0.84 -1.01
C ARG A 345 -24.33 -0.39 0.36
N GLU A 346 -23.44 -0.19 1.35
CA GLU A 346 -23.77 0.37 2.69
C GLU A 346 -24.86 -0.39 3.46
N HIS A 347 -24.45 -1.42 4.19
CA HIS A 347 -25.36 -2.36 4.83
C HIS A 347 -25.54 -2.10 6.32
N THR A 348 -26.50 -2.81 6.93
CA THR A 348 -26.68 -2.72 8.38
C THR A 348 -25.61 -3.51 9.12
N ILE A 349 -25.23 -2.95 10.26
CA ILE A 349 -24.44 -3.66 11.25
C ILE A 349 -24.80 -5.15 11.29
N GLU A 350 -26.09 -5.45 11.14
CA GLU A 350 -26.58 -6.82 11.20
C GLU A 350 -26.23 -7.62 9.97
N GLU A 351 -26.45 -6.99 8.81
CA GLU A 351 -26.16 -7.57 7.50
C GLU A 351 -24.66 -7.81 7.36
N TRP A 352 -23.88 -6.83 7.80
CA TRP A 352 -22.43 -6.91 7.82
C TRP A 352 -21.92 -8.17 8.52
N LYS A 353 -22.22 -8.26 9.82
CA LYS A 353 -21.86 -9.41 10.66
C LYS A 353 -22.04 -10.75 9.96
N GLU A 354 -23.11 -10.86 9.16
CA GLU A 354 -23.43 -12.09 8.44
C GLU A 354 -22.53 -12.27 7.24
N LEU A 355 -22.40 -11.20 6.46
CA LEU A 355 -21.63 -11.22 5.22
C LEU A 355 -20.26 -11.78 5.40
N ILE A 356 -19.61 -11.29 6.45
CA ILE A 356 -18.27 -11.63 6.82
C ILE A 356 -18.19 -13.10 7.21
N TYR A 357 -19.08 -13.53 8.11
CA TYR A 357 -19.04 -14.90 8.64
C TYR A 357 -19.15 -15.88 7.50
N LYS A 358 -19.88 -15.48 6.45
CA LYS A 358 -20.01 -16.31 5.25
C LYS A 358 -18.69 -16.37 4.48
N GLU A 359 -17.86 -15.35 4.63
CA GLU A 359 -16.54 -15.35 4.01
C GLU A 359 -15.51 -16.05 4.88
N VAL A 360 -15.69 -16.01 6.19
CA VAL A 360 -14.81 -16.79 7.08
C VAL A 360 -15.13 -18.27 6.95
N MET A 361 -16.42 -18.60 6.85
CA MET A 361 -16.84 -20.00 6.75
C MET A 361 -16.78 -20.51 5.31
N ASP A 362 -15.63 -21.06 4.94
CA ASP A 362 -15.48 -21.89 3.75
C ASP A 362 -14.95 -23.26 4.16
N LEU A 363 -14.09 -23.25 5.18
CA LEU A 363 -13.38 -24.44 5.70
C LEU A 363 -12.42 -25.07 4.67
N PRO B 2 21.30 -6.99 -17.32
CA PRO B 2 21.79 -7.16 -15.95
C PRO B 2 21.13 -8.32 -15.22
N LYS B 3 21.90 -8.98 -14.38
CA LYS B 3 21.36 -9.97 -13.44
C LYS B 3 20.45 -9.26 -12.42
N ARG B 4 19.30 -9.85 -12.11
CA ARG B 4 18.45 -9.38 -11.01
C ARG B 4 19.17 -9.63 -9.71
N PRO B 5 19.01 -8.73 -8.72
CA PRO B 5 19.60 -9.03 -7.42
C PRO B 5 18.92 -10.20 -6.73
N THR B 6 19.69 -10.85 -5.86
CA THR B 6 19.22 -11.99 -5.08
C THR B 6 19.39 -11.77 -3.56
N THR B 7 19.57 -10.51 -3.16
CA THR B 7 20.24 -10.18 -1.92
C THR B 7 19.82 -8.85 -1.33
N LEU B 8 19.51 -8.85 -0.02
CA LEU B 8 19.15 -7.62 0.67
C LEU B 8 19.55 -7.59 2.15
N ASN B 9 20.36 -6.60 2.50
CA ASN B 9 20.93 -6.56 3.83
C ASN B 9 20.00 -5.96 4.89
N LEU B 10 19.16 -6.82 5.48
CA LEU B 10 18.15 -6.37 6.43
C LEU B 10 18.59 -6.40 7.89
N PHE B 11 19.89 -6.39 8.15
CA PHE B 11 20.38 -6.48 9.54
C PHE B 11 20.62 -5.10 10.08
#